data_1O20
#
_entry.id   1O20
#
_cell.length_a   105.150
_cell.length_b   111.330
_cell.length_c   86.830
_cell.angle_alpha   90.00
_cell.angle_beta   90.00
_cell.angle_gamma   90.00
#
_symmetry.space_group_name_H-M   'C 2 2 2'
#
loop_
_entity.id
_entity.type
_entity.pdbx_description
1 polymer 'Gamma-glutamyl phosphate reductase'
2 water water
#
_entity_poly.entity_id   1
_entity_poly.type   'polypeptide(L)'
_entity_poly.pdbx_seq_one_letter_code
;(MSE)GSDKIHHHHHH(MSE)DELLEKAKKVREAWDVLRNATTREKNKAIKKIAEKLDERRKEILEANRIDVEKARERGV
KESLVDRLALNDKRIDE(MSE)IKACETVIGLKDPVGEVIDSWVREDGLRIARVRVPIGPIGIIYESRPNVTVETTILAL
KSGNTILLRGGSDALNSNKAIVSAIREALKETEIPESSVEFIENTDRSLVLE(MSE)IRLREYLSLVIPRGGYGLISFVR
DNATVPVLETGVGNCHIFVDESADLKKAVPVIINAKTQRPGTCNAAEKLLVHEKIAKEFLPVIVEELRKHGVEVRGCEKT
REIVPDVVPATEDDWPTEYLDLIIAIKVVKNVDEAIEHIKKYSTGHSESILTENYSNAKKFVSEIDAAAVYVNASTRFTD
GGQFGFGAEIGISTQRFHARGPVGLRELTTYKFVVLGEYHVRE
;
_entity_poly.pdbx_strand_id   A
#
# COMPACT_ATOMS: atom_id res chain seq x y z
N ASP A 14 21.70 23.11 -3.65
CA ASP A 14 20.92 21.93 -4.18
C ASP A 14 20.42 21.15 -3.00
N GLU A 15 19.20 21.45 -2.58
CA GLU A 15 18.62 20.86 -1.40
C GLU A 15 18.51 19.34 -1.56
N LEU A 16 18.00 18.90 -2.71
CA LEU A 16 17.81 17.51 -2.94
C LEU A 16 19.10 16.70 -2.79
N LEU A 17 20.18 17.15 -3.41
CA LEU A 17 21.42 16.42 -3.40
C LEU A 17 22.02 16.39 -2.00
N GLU A 18 22.00 17.52 -1.31
CA GLU A 18 22.59 17.57 0.02
C GLU A 18 21.83 16.64 0.94
N LYS A 19 20.49 16.60 0.82
CA LYS A 19 19.67 15.78 1.71
C LYS A 19 19.75 14.32 1.36
N ALA A 20 19.92 14.02 0.08
CA ALA A 20 20.13 12.63 -0.35
C ALA A 20 21.48 12.10 0.13
N LYS A 21 22.50 12.95 0.17
CA LYS A 21 23.82 12.58 0.68
C LYS A 21 23.70 12.34 2.18
N LYS A 22 22.94 13.17 2.86
CA LYS A 22 22.75 13.04 4.29
C LYS A 22 22.05 11.76 4.71
N VAL A 23 20.99 11.36 4.00
CA VAL A 23 20.30 10.12 4.39
C VAL A 23 21.15 8.89 4.09
N ARG A 24 21.94 8.96 3.04
CA ARG A 24 22.86 7.90 2.70
C ARG A 24 23.95 7.76 3.74
N GLU A 25 24.52 8.86 4.22
CA GLU A 25 25.57 8.79 5.24
C GLU A 25 24.98 8.28 6.54
N ALA A 26 23.80 8.76 6.91
CA ALA A 26 23.17 8.35 8.18
C ALA A 26 22.84 6.87 8.19
N TRP A 27 22.49 6.36 7.00
CA TRP A 27 22.18 4.95 6.84
C TRP A 27 23.32 4.04 7.33
N ASP A 28 24.56 4.48 7.13
CA ASP A 28 25.72 3.70 7.58
C ASP A 28 25.64 3.39 9.08
N VAL A 29 25.11 4.33 9.86
CA VAL A 29 24.86 4.14 11.28
C VAL A 29 23.57 3.37 11.56
N LEU A 30 22.46 3.80 10.96
CA LEU A 30 21.17 3.19 11.29
C LEU A 30 21.11 1.69 10.95
N ARG A 31 21.72 1.28 9.83
CA ARG A 31 21.58 -0.07 9.32
C ARG A 31 22.10 -1.10 10.33
N ASN A 32 22.98 -0.67 11.24
CA ASN A 32 23.56 -1.56 12.24
C ASN A 32 23.13 -1.27 13.68
N ALA A 33 22.20 -0.34 13.86
CA ALA A 33 21.59 -0.08 15.16
C ALA A 33 20.83 -1.29 15.67
N THR A 34 20.89 -1.51 16.98
CA THR A 34 20.08 -2.58 17.57
C THR A 34 18.62 -2.20 17.52
N THR A 35 17.76 -3.19 17.61
CA THR A 35 16.34 -2.89 17.67
C THR A 35 16.03 -2.04 18.87
N ARG A 36 16.73 -2.26 19.98
CA ARG A 36 16.49 -1.44 21.19
C ARG A 36 16.65 0.04 20.92
N GLU A 37 17.73 0.42 20.23
CA GLU A 37 17.97 1.82 19.87
C GLU A 37 16.93 2.35 18.87
N LYS A 38 16.52 1.54 17.88
CA LYS A 38 15.54 1.98 16.90
C LYS A 38 14.16 2.14 17.57
N ASN A 39 13.77 1.21 18.43
CA ASN A 39 12.55 1.30 19.23
C ASN A 39 12.54 2.53 20.18
N LYS A 40 13.69 2.84 20.75
CA LYS A 40 13.85 4.03 21.61
C LYS A 40 13.58 5.31 20.77
N ALA A 41 14.16 5.39 19.58
CA ALA A 41 13.91 6.50 18.64
C ALA A 41 12.42 6.64 18.30
N ILE A 42 11.74 5.52 18.04
CA ILE A 42 10.34 5.51 17.65
C ILE A 42 9.44 5.88 18.84
N LYS A 43 9.83 5.45 20.03
CA LYS A 43 9.14 5.84 21.24
C LYS A 43 9.26 7.36 21.47
N LYS A 44 10.48 7.88 21.32
CA LYS A 44 10.70 9.30 21.40
C LYS A 44 9.94 10.09 20.32
N ILE A 45 9.82 9.51 19.11
CA ILE A 45 9.01 10.11 18.07
C ILE A 45 7.57 10.28 18.60
N ALA A 46 6.99 9.22 19.12
CA ALA A 46 5.66 9.26 19.76
C ALA A 46 5.55 10.36 20.85
N GLU A 47 6.58 10.45 21.68
CA GLU A 47 6.62 11.43 22.74
C GLU A 47 6.71 12.88 22.23
N LYS A 48 7.52 13.11 21.20
CA LYS A 48 7.68 14.45 20.68
C LYS A 48 6.43 14.88 19.92
N LEU A 49 5.77 13.97 19.21
CA LEU A 49 4.51 14.27 18.56
C LEU A 49 3.50 14.70 19.62
N ASP A 50 3.43 13.96 20.71
CA ASP A 50 2.55 14.27 21.83
C ASP A 50 2.84 15.68 22.38
N GLU A 51 4.11 15.95 22.65
CA GLU A 51 4.56 17.23 23.15
C GLU A 51 4.41 18.41 22.19
N ARG A 52 4.44 18.18 20.88
CA ARG A 52 4.46 19.26 19.88
C ARG A 52 3.12 19.40 19.18
N ARG A 53 2.07 18.90 19.83
CA ARG A 53 0.72 18.98 19.32
C ARG A 53 0.39 20.35 18.85
N LYS A 54 0.64 21.31 19.74
CA LYS A 54 0.32 22.70 19.51
C LYS A 54 0.96 23.21 18.20
N GLU A 55 2.27 23.00 18.09
CA GLU A 55 3.04 23.41 16.92
C GLU A 55 2.49 22.73 15.66
N ILE A 56 2.23 21.44 15.74
CA ILE A 56 1.77 20.67 14.59
C ILE A 56 0.39 21.15 14.16
N LEU A 57 -0.49 21.42 15.13
CA LEU A 57 -1.83 21.86 14.80
C LEU A 57 -1.87 23.29 14.28
N GLU A 58 -1.00 24.16 14.78
CA GLU A 58 -0.87 25.53 14.26
C GLU A 58 -0.35 25.56 12.83
N ALA A 59 0.66 24.76 12.55
CA ALA A 59 1.12 24.56 11.19
C ALA A 59 0.01 24.02 10.28
N ASN A 60 -0.75 23.05 10.80
CA ASN A 60 -1.82 22.47 10.03
C ASN A 60 -2.98 23.44 9.82
N ARG A 61 -3.17 24.37 10.75
CA ARG A 61 -4.23 25.37 10.62
C ARG A 61 -3.91 26.24 9.41
N ILE A 62 -2.62 26.52 9.18
CA ILE A 62 -2.23 27.29 8.01
C ILE A 62 -2.49 26.54 6.72
N ASP A 63 -2.07 25.28 6.63
CA ASP A 63 -2.35 24.47 5.45
C ASP A 63 -3.86 24.39 5.13
N VAL A 64 -4.66 24.14 6.15
CA VAL A 64 -6.12 24.01 6.01
C VAL A 64 -6.75 25.34 5.55
N GLU A 65 -6.34 26.46 6.12
CA GLU A 65 -6.95 27.76 5.75
C GLU A 65 -6.52 28.11 4.33
N LYS A 66 -5.31 27.71 3.94
CA LYS A 66 -4.83 27.95 2.57
C LYS A 66 -5.63 27.12 1.58
N ALA A 67 -5.93 25.87 1.91
CA ALA A 67 -6.71 25.03 1.00
C ALA A 67 -8.17 25.54 0.83
N ARG A 68 -8.75 26.03 1.92
CA ARG A 68 -10.10 26.56 1.91
C ARG A 68 -10.17 27.86 1.09
N GLU A 69 -9.22 28.78 1.32
CA GLU A 69 -9.04 29.95 0.45
C GLU A 69 -9.07 29.62 -1.06
N ARG A 70 -8.41 28.56 -1.48
CA ARG A 70 -8.43 28.09 -2.88
C ARG A 70 -9.63 27.28 -3.29
N GLY A 71 -10.63 27.17 -2.41
CA GLY A 71 -11.86 26.42 -2.72
C GLY A 71 -11.64 24.94 -2.97
N VAL A 72 -10.65 24.33 -2.31
CA VAL A 72 -10.48 22.88 -2.37
C VAL A 72 -11.69 22.31 -1.64
N LYS A 73 -12.29 21.24 -2.19
CA LYS A 73 -13.56 20.76 -1.63
C LYS A 73 -13.24 20.03 -0.36
N GLU A 74 -14.21 20.04 0.57
CA GLU A 74 -13.94 19.61 1.95
C GLU A 74 -13.55 18.20 2.14
N SER A 75 -13.93 17.30 1.22
CA SER A 75 -13.52 15.92 1.34
C SER A 75 -11.99 15.78 1.14
N LEU A 76 -11.38 16.72 0.43
CA LEU A 76 -9.94 16.70 0.18
C LEU A 76 -9.22 17.48 1.27
N VAL A 77 -9.84 18.54 1.76
CA VAL A 77 -9.31 19.26 2.91
C VAL A 77 -9.18 18.29 4.08
N ASP A 78 -10.22 17.46 4.26
CA ASP A 78 -10.23 16.46 5.31
C ASP A 78 -9.03 15.48 5.27
N ARG A 79 -8.55 15.15 4.08
CA ARG A 79 -7.34 14.33 3.95
C ARG A 79 -6.13 15.00 4.54
N LEU A 80 -6.13 16.31 4.47
CA LEU A 80 -5.01 17.14 4.87
C LEU A 80 -5.08 17.54 6.35
N ALA A 81 -6.31 17.55 6.88
CA ALA A 81 -6.57 18.12 8.19
C ALA A 81 -6.08 17.25 9.34
N LEU A 82 -5.52 17.89 10.36
CA LEU A 82 -5.12 17.21 11.59
C LEU A 82 -5.88 17.74 12.79
N ASN A 83 -5.95 16.92 13.82
CA ASN A 83 -6.47 17.31 15.12
C ASN A 83 -5.84 16.34 16.15
N ASP A 84 -6.21 16.44 17.42
CA ASP A 84 -5.63 15.58 18.50
C ASP A 84 -5.77 14.09 18.26
N LYS A 85 -6.94 13.66 17.79
CA LYS A 85 -7.22 12.27 17.54
C LYS A 85 -6.35 11.70 16.46
N ARG A 86 -6.11 12.50 15.44
CA ARG A 86 -5.25 12.06 14.35
C ARG A 86 -3.79 12.03 14.79
N ILE A 87 -3.37 12.96 15.64
CA ILE A 87 -2.05 12.85 16.21
C ILE A 87 -1.96 11.59 17.09
N ASP A 88 -3.04 11.29 17.81
CA ASP A 88 -3.11 10.03 18.56
C ASP A 88 -2.95 8.81 17.65
N GLU A 89 -3.51 8.84 16.44
CA GLU A 89 -3.37 7.70 15.53
C GLU A 89 -1.90 7.56 15.17
N ILE A 91 0.60 8.36 17.02
CA ILE A 91 1.24 7.83 18.22
C ILE A 91 1.04 6.31 18.39
N LYS A 92 -0.22 5.87 18.22
CA LYS A 92 -0.57 4.48 18.16
C LYS A 92 0.21 3.72 17.06
N ALA A 93 0.37 4.31 15.88
CA ALA A 93 1.19 3.70 14.83
C ALA A 93 2.61 3.45 15.33
N CYS A 94 3.21 4.42 16.00
CA CYS A 94 4.53 4.22 16.63
C CYS A 94 4.53 3.00 17.58
N GLU A 95 3.50 2.89 18.42
CA GLU A 95 3.43 1.83 19.41
C GLU A 95 3.26 0.48 18.71
N THR A 96 2.50 0.45 17.62
CA THR A 96 2.35 -0.78 16.85
C THR A 96 3.70 -1.23 16.28
N VAL A 97 4.43 -0.30 15.66
CA VAL A 97 5.71 -0.60 15.03
C VAL A 97 6.75 -1.04 16.08
N ILE A 98 6.80 -0.36 17.23
CA ILE A 98 7.69 -0.77 18.30
C ILE A 98 7.44 -2.24 18.67
N GLY A 99 6.20 -2.67 18.72
CA GLY A 99 5.89 -4.06 19.08
C GLY A 99 6.15 -5.11 18.01
N LEU A 100 6.33 -4.72 16.75
CA LEU A 100 6.59 -5.65 15.67
C LEU A 100 8.01 -6.24 15.75
N LYS A 101 8.20 -7.46 15.27
CA LYS A 101 9.54 -8.07 15.23
C LYS A 101 10.39 -7.39 14.17
N ASP A 102 11.62 -7.12 14.53
CA ASP A 102 12.60 -6.52 13.65
C ASP A 102 13.00 -7.59 12.63
N PRO A 103 12.82 -7.37 11.33
CA PRO A 103 13.23 -8.38 10.34
C PRO A 103 14.76 -8.40 10.15
N VAL A 104 15.44 -7.34 10.53
CA VAL A 104 16.87 -7.24 10.32
C VAL A 104 17.63 -8.31 11.12
N GLY A 105 18.56 -9.00 10.46
CA GLY A 105 19.27 -10.10 11.06
C GLY A 105 18.57 -11.45 11.05
N GLU A 106 17.30 -11.56 10.63
CA GLU A 106 16.63 -12.87 10.59
C GLU A 106 17.35 -13.76 9.57
N VAL A 107 17.51 -15.01 9.91
CA VAL A 107 18.04 -15.96 8.96
C VAL A 107 16.87 -16.48 8.13
N ILE A 108 16.97 -16.31 6.82
CA ILE A 108 15.98 -16.93 5.91
C ILE A 108 16.21 -18.45 5.92
N ASP A 109 17.46 -18.84 5.68
CA ASP A 109 17.82 -20.22 5.82
C ASP A 109 19.31 -20.31 6.02
N SER A 110 19.74 -21.47 6.46
CA SER A 110 21.19 -21.72 6.65
C SER A 110 21.46 -23.19 6.75
N TRP A 111 22.57 -23.61 6.18
CA TRP A 111 22.92 -25.02 6.16
C TRP A 111 24.42 -25.17 6.15
N VAL A 112 24.88 -26.41 6.38
CA VAL A 112 26.28 -26.77 6.32
C VAL A 112 26.50 -27.65 5.10
N ARG A 113 27.42 -27.27 4.22
CA ARG A 113 27.73 -28.07 3.03
C ARG A 113 28.44 -29.34 3.42
N GLU A 114 28.63 -30.21 2.46
CA GLU A 114 29.29 -31.49 2.69
C GLU A 114 30.71 -31.40 3.19
N ASP A 115 31.41 -30.30 2.88
CA ASP A 115 32.74 -30.01 3.42
C ASP A 115 32.78 -29.15 4.68
N GLY A 116 31.64 -28.89 5.28
CA GLY A 116 31.68 -28.20 6.56
C GLY A 116 31.50 -26.69 6.45
N LEU A 117 31.47 -26.17 5.23
CA LEU A 117 31.28 -24.71 5.06
C LEU A 117 29.86 -24.33 5.46
N ARG A 118 29.70 -23.44 6.44
CA ARG A 118 28.36 -22.92 6.78
C ARG A 118 27.96 -21.77 5.85
N ILE A 119 26.74 -21.85 5.32
CA ILE A 119 26.13 -20.81 4.49
C ILE A 119 24.82 -20.38 5.10
N ALA A 120 24.60 -19.08 5.15
CA ALA A 120 23.33 -18.54 5.58
C ALA A 120 22.88 -17.37 4.73
N ARG A 121 21.56 -17.17 4.62
CA ARG A 121 21.01 -16.01 4.03
C ARG A 121 20.39 -15.26 5.17
N VAL A 122 20.79 -14.00 5.29
CA VAL A 122 20.45 -13.16 6.43
C VAL A 122 19.89 -11.82 5.90
N ARG A 123 18.77 -11.39 6.48
CA ARG A 123 18.10 -10.15 6.11
C ARG A 123 18.84 -8.92 6.61
N VAL A 124 18.96 -7.94 5.73
CA VAL A 124 19.58 -6.65 5.99
C VAL A 124 18.69 -5.56 5.38
N PRO A 125 18.83 -4.35 5.86
CA PRO A 125 18.05 -3.22 5.33
C PRO A 125 18.28 -3.02 3.85
N ILE A 126 17.22 -2.59 3.16
CA ILE A 126 17.34 -2.23 1.74
C ILE A 126 18.21 -1.01 1.45
N GLY A 127 18.24 -0.04 2.37
CA GLY A 127 18.88 1.24 2.13
C GLY A 127 17.96 2.45 2.24
N PRO A 128 18.45 3.64 1.93
CA PRO A 128 17.62 4.84 2.05
C PRO A 128 16.45 4.76 1.13
N ILE A 129 15.28 5.10 1.66
CA ILE A 129 14.04 5.11 0.92
C ILE A 129 13.58 6.51 0.67
N GLY A 130 13.27 6.82 -0.60
CA GLY A 130 12.54 8.01 -0.98
C GLY A 130 11.03 7.81 -0.99
N ILE A 131 10.31 8.63 -0.23
CA ILE A 131 8.86 8.61 -0.26
C ILE A 131 8.37 9.89 -0.93
N ILE A 132 7.60 9.72 -2.01
CA ILE A 132 7.05 10.82 -2.76
C ILE A 132 5.54 10.74 -2.61
N TYR A 133 4.99 11.70 -1.90
CA TYR A 133 3.60 11.62 -1.49
C TYR A 133 2.96 12.99 -1.58
N GLU A 134 1.66 13.02 -1.38
CA GLU A 134 0.87 14.25 -1.56
C GLU A 134 0.57 14.82 -0.18
N SER A 135 -0.72 14.90 0.13
CA SER A 135 -1.20 15.80 1.17
C SER A 135 -1.52 15.19 2.55
N ARG A 136 -1.55 13.87 2.74
CA ARG A 136 -1.95 13.32 4.07
C ARG A 136 -0.75 13.36 5.02
N PRO A 137 -0.73 14.26 6.00
CA PRO A 137 0.46 14.40 6.84
C PRO A 137 0.80 13.16 7.69
N ASN A 138 -0.17 12.33 8.06
CA ASN A 138 0.12 11.08 8.78
C ASN A 138 1.12 10.18 8.07
N VAL A 139 1.14 10.27 6.74
CA VAL A 139 2.00 9.45 5.90
C VAL A 139 3.44 9.72 6.30
N THR A 140 3.70 10.96 6.67
CA THR A 140 5.02 11.38 7.14
C THR A 140 5.55 10.51 8.28
N VAL A 141 4.74 10.31 9.30
CA VAL A 141 5.08 9.43 10.39
C VAL A 141 5.07 7.95 10.02
N GLU A 142 3.99 7.52 9.37
CA GLU A 142 3.80 6.10 9.07
C GLU A 142 4.98 5.54 8.30
N THR A 143 5.45 6.23 7.26
CA THR A 143 6.52 5.71 6.45
C THR A 143 7.83 5.78 7.18
N THR A 144 8.06 6.89 7.90
CA THR A 144 9.28 7.08 8.67
C THR A 144 9.51 5.96 9.67
N ILE A 145 8.49 5.60 10.40
CA ILE A 145 8.66 4.63 11.47
C ILE A 145 8.84 3.24 10.92
N LEU A 146 8.21 2.93 9.80
CA LEU A 146 8.45 1.66 9.16
C LEU A 146 9.88 1.58 8.63
N ALA A 147 10.37 2.67 8.02
CA ALA A 147 11.73 2.71 7.52
C ALA A 147 12.74 2.57 8.66
N LEU A 148 12.61 3.39 9.69
CA LEU A 148 13.57 3.39 10.75
C LEU A 148 13.64 1.99 11.42
N LYS A 149 12.48 1.37 11.66
CA LYS A 149 12.41 0.11 12.35
C LYS A 149 13.17 -0.94 11.58
N SER A 150 13.06 -0.88 10.26
CA SER A 150 13.70 -1.82 9.38
C SER A 150 15.13 -1.44 9.03
N GLY A 151 15.70 -0.44 9.70
CA GLY A 151 17.07 -0.05 9.47
C GLY A 151 17.32 0.77 8.22
N ASN A 152 16.28 1.36 7.67
CA ASN A 152 16.40 2.23 6.51
C ASN A 152 16.26 3.74 6.81
N THR A 153 17.12 4.58 6.23
CA THR A 153 16.85 6.01 6.33
C THR A 153 15.75 6.39 5.33
N ILE A 154 15.29 7.62 5.45
CA ILE A 154 14.21 8.13 4.63
C ILE A 154 14.34 9.59 4.20
N LEU A 155 14.05 9.79 2.93
CA LEU A 155 13.97 11.09 2.31
C LEU A 155 12.52 11.34 1.92
N LEU A 156 11.93 12.32 2.56
CA LEU A 156 10.51 12.63 2.42
C LEU A 156 10.31 13.82 1.49
N ARG A 157 9.46 13.62 0.50
CA ARG A 157 8.91 14.72 -0.30
C ARG A 157 7.36 14.61 -0.37
N GLY A 158 6.69 15.40 0.45
CA GLY A 158 5.24 15.46 0.40
C GLY A 158 4.70 16.61 -0.46
N GLY A 159 3.40 16.81 -0.39
CA GLY A 159 2.69 17.78 -1.22
C GLY A 159 2.84 19.20 -0.71
N SER A 160 2.70 20.16 -1.61
CA SER A 160 2.82 21.53 -1.24
C SER A 160 1.63 21.92 -0.32
N ASP A 161 0.53 21.19 -0.39
CA ASP A 161 -0.64 21.50 0.47
C ASP A 161 -0.39 21.26 1.98
N ALA A 162 0.46 20.27 2.30
CA ALA A 162 0.75 19.78 3.65
C ALA A 162 2.10 20.25 4.15
N LEU A 163 2.73 21.15 3.41
CA LEU A 163 4.10 21.58 3.68
C LEU A 163 4.33 22.08 5.09
N ASN A 164 3.46 22.94 5.60
CA ASN A 164 3.67 23.43 6.97
C ASN A 164 3.52 22.30 7.99
N SER A 165 2.50 21.47 7.81
CA SER A 165 2.23 20.35 8.68
C SER A 165 3.44 19.42 8.71
N ASN A 166 3.94 19.10 7.52
CA ASN A 166 5.02 18.14 7.39
C ASN A 166 6.33 18.67 7.96
N LYS A 167 6.57 19.95 7.82
CA LYS A 167 7.74 20.54 8.46
C LYS A 167 7.70 20.35 9.96
N ALA A 168 6.57 20.71 10.57
CA ALA A 168 6.42 20.62 12.00
C ALA A 168 6.55 19.18 12.49
N ILE A 169 5.97 18.23 11.77
CA ILE A 169 6.04 16.82 12.15
C ILE A 169 7.52 16.38 12.03
N VAL A 170 8.14 16.71 10.91
CA VAL A 170 9.54 16.29 10.69
C VAL A 170 10.45 16.91 11.75
N SER A 171 10.15 18.13 12.15
CA SER A 171 10.91 18.79 13.18
C SER A 171 10.78 18.00 14.49
N ALA A 172 9.57 17.58 14.85
CA ALA A 172 9.35 16.75 16.04
C ALA A 172 10.09 15.40 16.00
N ILE A 173 10.06 14.73 14.84
CA ILE A 173 10.74 13.47 14.62
C ILE A 173 12.24 13.64 14.88
N ARG A 174 12.86 14.67 14.30
CA ARG A 174 14.33 14.88 14.42
C ARG A 174 14.72 15.28 15.85
N GLU A 175 13.85 15.99 16.54
CA GLU A 175 14.06 16.29 17.96
C GLU A 175 14.17 14.99 18.73
N ALA A 176 13.31 14.02 18.40
CA ALA A 176 13.38 12.73 19.06
C ALA A 176 14.67 12.02 18.72
N LEU A 177 15.06 12.02 17.47
CA LEU A 177 16.24 11.28 16.99
C LEU A 177 17.49 11.80 17.69
N LYS A 178 17.53 13.11 17.88
CA LYS A 178 18.64 13.79 18.53
C LYS A 178 18.89 13.27 19.97
N GLU A 179 17.89 12.65 20.60
CA GLU A 179 18.06 12.11 21.94
C GLU A 179 18.47 10.66 21.93
N THR A 180 18.84 10.14 20.76
CA THR A 180 19.34 8.79 20.61
C THR A 180 20.66 8.79 19.81
N GLU A 181 21.12 7.59 19.49
CA GLU A 181 22.31 7.38 18.68
C GLU A 181 21.95 7.29 17.19
N ILE A 182 20.65 7.31 16.89
CA ILE A 182 20.22 7.28 15.49
C ILE A 182 20.36 8.71 15.01
N PRO A 183 21.12 8.95 13.95
CA PRO A 183 21.36 10.31 13.48
C PRO A 183 20.07 10.98 13.07
N GLU A 184 20.04 12.26 13.35
CA GLU A 184 18.91 13.12 13.05
C GLU A 184 18.68 13.14 11.54
N SER A 185 19.77 13.02 10.79
CA SER A 185 19.73 13.02 9.32
C SER A 185 19.28 11.67 8.73
N SER A 186 18.87 10.74 9.59
CA SER A 186 18.12 9.56 9.15
C SER A 186 16.77 9.92 8.54
N VAL A 187 16.28 11.13 8.85
CA VAL A 187 15.00 11.61 8.30
C VAL A 187 15.23 13.00 7.73
N GLU A 188 15.19 13.13 6.42
CA GLU A 188 15.33 14.41 5.77
C GLU A 188 14.07 14.65 4.98
N PHE A 189 13.74 15.93 4.78
CA PHE A 189 12.46 16.34 4.23
C PHE A 189 12.65 17.48 3.24
N ILE A 190 12.21 17.26 2.02
CA ILE A 190 12.39 18.23 0.93
C ILE A 190 11.28 19.31 1.09
N GLU A 191 11.69 20.55 1.33
CA GLU A 191 10.76 21.68 1.48
C GLU A 191 10.39 22.35 0.16
N ASN A 192 11.24 22.22 -0.85
CA ASN A 192 10.91 22.68 -2.20
C ASN A 192 9.85 21.75 -2.78
N THR A 193 8.67 22.29 -2.96
CA THR A 193 7.54 21.53 -3.48
C THR A 193 7.65 21.13 -4.95
N ASP A 194 8.36 21.97 -5.73
CA ASP A 194 8.40 21.84 -7.19
C ASP A 194 8.57 20.39 -7.65
N ARG A 195 7.76 19.98 -8.61
CA ARG A 195 7.69 18.60 -9.09
C ARG A 195 8.80 18.18 -10.05
N SER A 196 9.51 19.16 -10.60
CA SER A 196 10.73 18.83 -11.34
C SER A 196 11.73 18.07 -10.44
N LEU A 197 11.70 18.36 -9.15
CA LEU A 197 12.53 17.67 -8.15
C LEU A 197 12.25 16.18 -8.04
N VAL A 198 10.99 15.80 -8.17
CA VAL A 198 10.62 14.42 -8.21
C VAL A 198 11.37 13.65 -9.31
N LEU A 199 11.42 14.23 -10.51
CA LEU A 199 12.12 13.56 -11.60
C LEU A 199 13.58 13.33 -11.28
N GLU A 200 14.24 14.29 -10.63
CA GLU A 200 15.63 14.16 -10.20
C GLU A 200 15.80 13.12 -9.08
N ILE A 202 14.05 10.45 -8.26
CA ILE A 202 13.88 9.06 -8.66
C ILE A 202 14.98 8.55 -9.61
N ARG A 203 15.96 9.39 -9.91
CA ARG A 203 17.15 8.99 -10.65
C ARG A 203 18.42 8.92 -9.79
N LEU A 204 18.30 9.15 -8.48
CA LEU A 204 19.50 9.27 -7.61
C LEU A 204 19.95 7.91 -7.10
N ARG A 205 20.56 7.14 -7.99
CA ARG A 205 20.92 5.78 -7.68
C ARG A 205 22.11 5.70 -6.73
N GLU A 206 22.94 6.74 -6.65
CA GLU A 206 24.09 6.71 -5.75
C GLU A 206 23.68 6.90 -4.29
N TYR A 207 22.43 7.34 -4.04
CA TYR A 207 21.95 7.68 -2.67
C TYR A 207 20.71 6.90 -2.17
N LEU A 208 19.75 6.66 -3.07
CA LEU A 208 18.53 5.98 -2.72
C LEU A 208 18.51 4.55 -3.23
N SER A 209 18.06 3.62 -2.39
CA SER A 209 17.94 2.23 -2.78
C SER A 209 16.53 1.87 -3.28
N LEU A 210 15.57 2.72 -2.99
CA LEU A 210 14.16 2.44 -3.26
C LEU A 210 13.40 3.74 -3.25
N VAL A 211 12.45 3.89 -4.16
CA VAL A 211 11.43 4.93 -4.02
C VAL A 211 10.04 4.32 -4.05
N ILE A 212 9.16 4.94 -3.29
CA ILE A 212 7.78 4.52 -3.15
C ILE A 212 6.90 5.74 -3.27
N PRO A 213 6.26 5.90 -4.42
CA PRO A 213 5.27 6.95 -4.61
C PRO A 213 3.95 6.59 -3.96
N ARG A 214 3.29 7.55 -3.32
CA ARG A 214 1.97 7.34 -2.73
C ARG A 214 1.09 8.52 -3.15
N GLY A 215 -0.22 8.35 -3.25
CA GLY A 215 -1.10 9.41 -3.73
C GLY A 215 -1.74 9.02 -5.04
N GLY A 216 -2.12 10.02 -5.84
CA GLY A 216 -2.80 9.79 -7.11
C GLY A 216 -2.08 8.85 -8.06
N TYR A 217 -2.81 8.24 -8.99
CA TYR A 217 -2.19 7.39 -10.02
C TYR A 217 -1.28 8.16 -10.99
N GLY A 218 -1.55 9.45 -11.17
CA GLY A 218 -0.73 10.27 -12.03
C GLY A 218 0.69 10.31 -11.50
N LEU A 219 0.81 10.60 -10.22
CA LEU A 219 2.10 10.64 -9.55
C LEU A 219 2.81 9.28 -9.53
N ILE A 220 2.03 8.20 -9.36
CA ILE A 220 2.60 6.83 -9.23
C ILE A 220 3.13 6.39 -10.61
N SER A 221 2.31 6.62 -11.63
CA SER A 221 2.68 6.38 -13.05
C SER A 221 3.95 7.16 -13.46
N PHE A 222 3.99 8.45 -13.13
CA PHE A 222 5.11 9.29 -13.47
C PHE A 222 6.40 8.75 -12.86
N VAL A 223 6.34 8.44 -11.56
CA VAL A 223 7.49 7.99 -10.82
C VAL A 223 7.89 6.64 -11.41
N ARG A 224 6.92 5.75 -11.59
CA ARG A 224 7.28 4.42 -12.06
C ARG A 224 7.83 4.45 -13.50
N ASP A 225 7.30 5.32 -14.36
CA ASP A 225 7.74 5.45 -15.77
C ASP A 225 9.16 5.97 -15.94
N ASN A 226 9.58 6.85 -15.03
CA ASN A 226 10.81 7.63 -15.16
C ASN A 226 11.93 7.30 -14.14
N ALA A 227 11.66 6.44 -13.17
CA ALA A 227 12.64 6.09 -12.12
C ALA A 227 13.80 5.26 -12.65
N THR A 228 15.04 5.58 -12.26
CA THR A 228 16.14 4.62 -12.35
C THR A 228 16.42 3.90 -11.01
N VAL A 229 15.97 4.48 -9.91
CA VAL A 229 16.04 3.84 -8.60
C VAL A 229 14.94 2.80 -8.58
N PRO A 230 15.15 1.63 -8.00
CA PRO A 230 14.07 0.63 -7.87
C PRO A 230 12.77 1.22 -7.25
N VAL A 231 11.63 0.78 -7.74
CA VAL A 231 10.35 1.30 -7.31
C VAL A 231 9.50 0.18 -6.79
N LEU A 232 8.73 0.44 -5.72
CA LEU A 232 7.58 -0.40 -5.37
C LEU A 232 6.33 0.37 -5.75
N GLU A 233 5.65 -0.14 -6.76
CA GLU A 233 4.44 0.45 -7.32
C GLU A 233 3.15 -0.08 -6.65
N THR A 234 2.47 0.81 -5.93
CA THR A 234 1.17 0.49 -5.34
C THR A 234 0.10 0.83 -6.34
N GLY A 235 -0.26 -0.15 -7.18
CA GLY A 235 -1.01 0.12 -8.39
C GLY A 235 -2.53 0.17 -8.21
N VAL A 236 -3.19 0.40 -9.35
CA VAL A 236 -4.66 0.37 -9.54
C VAL A 236 -5.29 -0.97 -9.14
N GLY A 237 -6.51 -0.89 -8.59
CA GLY A 237 -7.21 -2.08 -8.12
C GLY A 237 -8.56 -2.20 -8.79
N ASN A 238 -8.53 -2.60 -10.05
CA ASN A 238 -9.73 -3.04 -10.78
C ASN A 238 -10.03 -4.46 -10.35
N CYS A 239 -10.76 -4.60 -9.26
CA CYS A 239 -10.92 -5.89 -8.61
C CYS A 239 -12.24 -6.54 -8.99
N HIS A 240 -12.19 -7.84 -9.29
CA HIS A 240 -13.38 -8.61 -9.71
C HIS A 240 -13.78 -9.58 -8.64
N ILE A 241 -15.08 -9.79 -8.51
CA ILE A 241 -15.65 -10.90 -7.79
C ILE A 241 -16.46 -11.73 -8.79
N PHE A 242 -16.19 -13.03 -8.84
CA PHE A 242 -16.95 -13.97 -9.67
C PHE A 242 -17.85 -14.84 -8.80
N VAL A 243 -19.15 -14.78 -9.04
CA VAL A 243 -20.12 -15.59 -8.36
C VAL A 243 -20.40 -16.82 -9.24
N ASP A 244 -19.90 -17.95 -8.81
CA ASP A 244 -20.01 -19.21 -9.52
C ASP A 244 -21.39 -19.82 -9.27
N GLU A 245 -21.73 -20.80 -10.11
CA GLU A 245 -22.99 -21.51 -10.06
C GLU A 245 -23.37 -22.05 -8.73
N SER A 246 -22.45 -22.69 -8.03
CA SER A 246 -22.73 -23.32 -6.72
C SER A 246 -22.52 -22.45 -5.51
N ALA A 247 -22.20 -21.16 -5.69
CA ALA A 247 -22.09 -20.25 -4.54
C ALA A 247 -23.35 -20.26 -3.69
N ASP A 248 -23.15 -20.15 -2.39
CA ASP A 248 -24.18 -19.86 -1.43
C ASP A 248 -24.59 -18.41 -1.64
N LEU A 249 -25.72 -18.22 -2.31
CA LEU A 249 -26.16 -16.91 -2.78
C LEU A 249 -26.55 -15.97 -1.65
N LYS A 250 -27.01 -16.53 -0.56
CA LYS A 250 -27.34 -15.76 0.62
C LYS A 250 -26.10 -15.16 1.27
N LYS A 251 -25.04 -15.97 1.40
CA LYS A 251 -23.81 -15.50 2.02
C LYS A 251 -23.01 -14.64 1.05
N ALA A 252 -23.23 -14.83 -0.25
CA ALA A 252 -22.55 -14.10 -1.31
C ALA A 252 -22.88 -12.61 -1.27
N VAL A 253 -24.13 -12.32 -0.91
CA VAL A 253 -24.61 -10.97 -0.98
C VAL A 253 -23.81 -10.04 -0.04
N PRO A 254 -23.73 -10.35 1.26
CA PRO A 254 -22.91 -9.51 2.15
C PRO A 254 -21.45 -9.43 1.71
N VAL A 255 -20.87 -10.48 1.16
CA VAL A 255 -19.47 -10.40 0.71
C VAL A 255 -19.32 -9.32 -0.37
N ILE A 256 -20.25 -9.35 -1.33
CA ILE A 256 -20.23 -8.42 -2.44
C ILE A 256 -20.47 -7.01 -1.94
N ILE A 257 -21.45 -6.83 -1.06
CA ILE A 257 -21.75 -5.54 -0.46
C ILE A 257 -20.56 -4.97 0.33
N ASN A 258 -19.93 -5.84 1.10
CA ASN A 258 -18.78 -5.47 1.89
C ASN A 258 -17.68 -4.98 0.95
N ALA A 259 -17.45 -5.75 -0.11
CA ALA A 259 -16.34 -5.48 -1.01
C ALA A 259 -16.52 -4.14 -1.76
N LYS A 260 -17.77 -3.82 -2.07
CA LYS A 260 -18.13 -2.64 -2.83
C LYS A 260 -18.34 -1.40 -1.97
N THR A 261 -19.05 -1.54 -0.85
CA THR A 261 -19.58 -0.37 -0.14
C THR A 261 -18.89 -0.06 1.16
N GLN A 262 -18.01 -0.91 1.67
CA GLN A 262 -17.45 -0.62 2.97
C GLN A 262 -16.54 0.63 2.88
N ARG A 263 -15.72 0.68 1.83
CA ARG A 263 -14.81 1.79 1.57
C ARG A 263 -14.62 1.93 0.06
N PRO A 264 -15.62 2.43 -0.64
CA PRO A 264 -15.57 2.52 -2.11
C PRO A 264 -14.41 3.37 -2.67
N GLY A 265 -13.90 4.32 -1.89
CA GLY A 265 -12.79 5.19 -2.26
C GLY A 265 -11.36 4.60 -2.20
N THR A 266 -11.21 3.39 -1.69
CA THR A 266 -9.88 2.76 -1.61
C THR A 266 -9.75 1.57 -2.60
N CYS A 267 -8.54 1.25 -3.03
CA CYS A 267 -8.48 0.54 -4.31
C CYS A 267 -8.70 -0.98 -4.24
N ASN A 268 -8.85 -1.55 -3.03
CA ASN A 268 -9.22 -2.97 -2.90
C ASN A 268 -10.77 -3.17 -2.92
N ALA A 269 -11.51 -2.09 -3.10
CA ALA A 269 -12.95 -2.14 -3.37
C ALA A 269 -13.22 -2.93 -4.64
N ALA A 270 -14.20 -3.81 -4.61
CA ALA A 270 -14.63 -4.51 -5.81
C ALA A 270 -15.23 -3.49 -6.78
N GLU A 271 -14.88 -3.58 -8.05
CA GLU A 271 -15.38 -2.70 -9.09
C GLU A 271 -16.25 -3.44 -10.10
N LYS A 272 -16.07 -4.75 -10.14
CA LYS A 272 -16.66 -5.59 -11.18
C LYS A 272 -17.22 -6.88 -10.62
N LEU A 273 -18.39 -7.25 -11.10
CA LEU A 273 -19.05 -8.47 -10.68
C LEU A 273 -19.31 -9.35 -11.88
N LEU A 274 -18.78 -10.56 -11.83
CA LEU A 274 -19.03 -11.55 -12.87
C LEU A 274 -19.95 -12.60 -12.31
N VAL A 275 -20.96 -13.01 -13.09
CA VAL A 275 -22.02 -13.88 -12.57
C VAL A 275 -22.28 -15.03 -13.52
N HIS A 276 -22.24 -16.26 -13.01
CA HIS A 276 -22.48 -17.49 -13.80
C HIS A 276 -23.88 -17.45 -14.37
N GLU A 277 -23.98 -17.75 -15.67
CA GLU A 277 -25.25 -17.71 -16.38
C GLU A 277 -26.35 -18.56 -15.77
N LYS A 278 -25.99 -19.69 -15.13
CA LYS A 278 -27.02 -20.59 -14.57
C LYS A 278 -27.71 -20.07 -13.31
N ILE A 279 -27.13 -19.07 -12.65
CA ILE A 279 -27.79 -18.43 -11.52
C ILE A 279 -28.15 -16.98 -11.80
N ALA A 280 -27.81 -16.48 -12.98
CA ALA A 280 -28.03 -15.05 -13.29
C ALA A 280 -29.47 -14.60 -13.19
N LYS A 281 -30.41 -15.40 -13.69
CA LYS A 281 -31.86 -15.05 -13.64
C LYS A 281 -32.36 -14.90 -12.24
N GLU A 282 -31.89 -15.76 -11.32
CA GLU A 282 -32.28 -15.74 -9.91
C GLU A 282 -31.52 -14.70 -9.11
N PHE A 283 -30.23 -14.55 -9.38
CA PHE A 283 -29.33 -13.82 -8.48
C PHE A 283 -29.25 -12.35 -8.86
N LEU A 284 -29.25 -12.03 -10.17
CA LEU A 284 -29.05 -10.62 -10.57
C LEU A 284 -30.10 -9.67 -9.99
N PRO A 285 -31.38 -10.05 -10.02
CA PRO A 285 -32.40 -9.15 -9.44
C PRO A 285 -32.15 -8.88 -7.97
N VAL A 286 -31.65 -9.88 -7.26
CA VAL A 286 -31.35 -9.76 -5.83
C VAL A 286 -30.16 -8.86 -5.55
N ILE A 287 -29.04 -9.12 -6.21
CA ILE A 287 -27.83 -8.38 -5.92
C ILE A 287 -27.93 -6.94 -6.41
N VAL A 288 -28.60 -6.72 -7.53
CA VAL A 288 -28.79 -5.38 -8.06
C VAL A 288 -29.66 -4.57 -7.07
N GLU A 289 -30.74 -5.16 -6.57
CA GLU A 289 -31.61 -4.53 -5.54
C GLU A 289 -30.78 -4.12 -4.33
N GLU A 290 -29.95 -5.04 -3.82
CA GLU A 290 -29.17 -4.80 -2.63
C GLU A 290 -28.07 -3.75 -2.85
N LEU A 291 -27.44 -3.79 -4.01
CA LEU A 291 -26.44 -2.78 -4.38
C LEU A 291 -27.08 -1.39 -4.39
N ARG A 292 -28.26 -1.30 -4.99
CA ARG A 292 -29.02 -0.05 -5.05
C ARG A 292 -29.44 0.45 -3.66
N LYS A 293 -29.69 -0.44 -2.72
CA LYS A 293 -30.05 -0.01 -1.36
C LYS A 293 -28.88 0.75 -0.73
N HIS A 294 -27.65 0.44 -1.18
CA HIS A 294 -26.44 1.06 -0.66
C HIS A 294 -25.92 2.21 -1.54
N GLY A 295 -26.80 2.71 -2.41
CA GLY A 295 -26.48 3.82 -3.28
C GLY A 295 -25.57 3.49 -4.46
N VAL A 296 -25.50 2.24 -4.87
CA VAL A 296 -24.59 1.85 -5.95
C VAL A 296 -25.27 1.97 -7.31
N GLU A 297 -24.59 2.69 -8.21
CA GLU A 297 -24.96 2.77 -9.63
C GLU A 297 -24.47 1.49 -10.36
N VAL A 298 -25.40 0.74 -10.90
CA VAL A 298 -25.11 -0.57 -11.47
C VAL A 298 -25.11 -0.47 -12.97
N ARG A 299 -24.01 -0.88 -13.58
CA ARG A 299 -23.91 -0.95 -15.01
C ARG A 299 -23.84 -2.41 -15.36
N GLY A 300 -24.25 -2.77 -16.57
CA GLY A 300 -24.31 -4.18 -16.93
C GLY A 300 -24.20 -4.45 -18.42
N CYS A 301 -23.74 -5.65 -18.72
CA CYS A 301 -23.63 -6.17 -20.06
C CYS A 301 -25.02 -6.42 -20.61
N GLU A 302 -25.08 -6.77 -21.88
CA GLU A 302 -26.39 -6.95 -22.54
C GLU A 302 -27.16 -8.10 -21.88
N LYS A 303 -26.48 -9.15 -21.43
CA LYS A 303 -27.21 -10.26 -20.75
C LYS A 303 -27.73 -9.86 -19.38
N THR A 304 -26.95 -9.03 -18.69
CA THR A 304 -27.35 -8.47 -17.42
C THR A 304 -28.63 -7.62 -17.58
N ARG A 305 -28.65 -6.83 -18.64
CA ARG A 305 -29.75 -5.97 -19.00
C ARG A 305 -30.97 -6.75 -19.51
N GLU A 306 -30.79 -7.88 -20.19
CA GLU A 306 -31.95 -8.74 -20.50
C GLU A 306 -32.70 -9.13 -19.22
N ILE A 307 -31.95 -9.41 -18.17
CA ILE A 307 -32.51 -9.83 -16.91
C ILE A 307 -33.00 -8.67 -16.01
N VAL A 308 -32.23 -7.59 -15.90
CA VAL A 308 -32.60 -6.42 -15.08
C VAL A 308 -32.57 -5.18 -16.00
N PRO A 309 -33.71 -4.87 -16.61
CA PRO A 309 -33.76 -3.99 -17.80
C PRO A 309 -33.43 -2.54 -17.56
N ASP A 310 -33.43 -2.11 -16.31
CA ASP A 310 -33.04 -0.74 -16.06
C ASP A 310 -31.55 -0.49 -15.76
N VAL A 311 -30.69 -1.50 -15.78
CA VAL A 311 -29.27 -1.20 -15.50
C VAL A 311 -28.71 -0.33 -16.61
N VAL A 312 -27.80 0.55 -16.22
CA VAL A 312 -27.05 1.34 -17.19
C VAL A 312 -26.29 0.43 -18.15
N PRO A 313 -26.42 0.63 -19.47
CA PRO A 313 -25.63 -0.19 -20.41
C PRO A 313 -24.11 0.01 -20.23
N ALA A 314 -23.40 -1.07 -19.93
CA ALA A 314 -21.94 -1.05 -19.88
C ALA A 314 -21.37 -0.80 -21.29
N THR A 315 -20.29 -0.04 -21.32
CA THR A 315 -19.53 0.16 -22.56
C THR A 315 -18.19 -0.52 -22.39
N GLU A 316 -17.45 -0.59 -23.49
CA GLU A 316 -16.15 -1.22 -23.49
C GLU A 316 -15.19 -0.58 -22.52
N ASP A 317 -15.25 0.73 -22.37
CA ASP A 317 -14.46 1.44 -21.36
C ASP A 317 -14.73 1.06 -19.92
N ASP A 318 -15.91 0.54 -19.60
CA ASP A 318 -16.22 0.15 -18.22
C ASP A 318 -15.31 -0.96 -17.71
N TRP A 319 -15.01 -1.96 -18.55
CA TRP A 319 -14.36 -3.17 -18.10
C TRP A 319 -12.97 -2.93 -17.46
N PRO A 320 -12.13 -2.07 -18.04
CA PRO A 320 -10.85 -1.69 -17.40
C PRO A 320 -10.90 -0.62 -16.29
N THR A 321 -12.01 0.08 -16.13
CA THR A 321 -12.05 1.26 -15.29
C THR A 321 -12.25 0.93 -13.82
N GLU A 322 -11.35 1.42 -12.97
CA GLU A 322 -11.56 1.42 -11.51
C GLU A 322 -12.34 2.68 -11.15
N TYR A 323 -13.55 2.50 -10.64
CA TYR A 323 -14.43 3.62 -10.36
C TYR A 323 -14.04 4.39 -9.08
N LEU A 324 -13.56 3.71 -8.05
CA LEU A 324 -13.31 4.31 -6.72
C LEU A 324 -14.55 5.14 -6.28
N ASP A 325 -15.73 4.52 -6.41
CA ASP A 325 -17.00 5.19 -6.15
C ASP A 325 -18.05 4.11 -6.09
N LEU A 326 -19.25 4.47 -5.67
CA LEU A 326 -20.36 3.53 -5.58
C LEU A 326 -20.93 3.31 -6.98
N ILE A 327 -20.09 2.70 -7.81
CA ILE A 327 -20.44 2.29 -9.16
C ILE A 327 -19.90 0.86 -9.33
N ILE A 328 -20.61 0.05 -10.10
CA ILE A 328 -20.16 -1.32 -10.34
C ILE A 328 -20.59 -1.74 -11.73
N ALA A 329 -19.78 -2.53 -12.42
CA ALA A 329 -20.22 -3.10 -13.68
C ALA A 329 -20.34 -4.61 -13.54
N ILE A 330 -21.43 -5.15 -14.08
CA ILE A 330 -21.75 -6.56 -13.93
C ILE A 330 -21.72 -7.18 -15.29
N LYS A 331 -21.07 -8.33 -15.43
CA LYS A 331 -21.12 -9.15 -16.65
C LYS A 331 -21.56 -10.60 -16.37
N VAL A 332 -22.40 -11.16 -17.22
CA VAL A 332 -22.76 -12.58 -17.09
C VAL A 332 -21.68 -13.34 -17.88
N VAL A 333 -21.16 -14.43 -17.31
CA VAL A 333 -20.22 -15.31 -17.99
C VAL A 333 -20.75 -16.75 -17.96
N LYS A 334 -20.28 -17.59 -18.88
CA LYS A 334 -20.83 -18.93 -19.06
C LYS A 334 -20.44 -19.83 -17.89
N ASN A 335 -19.24 -19.63 -17.38
CA ASN A 335 -18.61 -20.51 -16.42
C ASN A 335 -17.30 -19.88 -15.90
N VAL A 336 -16.61 -20.59 -14.99
CA VAL A 336 -15.37 -20.14 -14.36
C VAL A 336 -14.26 -19.94 -15.38
N ASP A 337 -14.28 -20.70 -16.49
CA ASP A 337 -13.29 -20.51 -17.57
C ASP A 337 -13.43 -19.14 -18.24
N GLU A 338 -14.67 -18.72 -18.52
CA GLU A 338 -14.87 -17.41 -19.09
C GLU A 338 -14.61 -16.33 -18.01
N ALA A 339 -14.85 -16.67 -16.75
CA ALA A 339 -14.59 -15.72 -15.66
C ALA A 339 -13.13 -15.46 -15.62
N ILE A 340 -12.35 -16.52 -15.64
CA ILE A 340 -10.90 -16.42 -15.73
C ILE A 340 -10.40 -15.64 -16.93
N GLU A 341 -10.92 -15.91 -18.12
CA GLU A 341 -10.53 -15.14 -19.29
C GLU A 341 -10.84 -13.66 -19.12
N HIS A 342 -11.98 -13.34 -18.53
CA HIS A 342 -12.33 -11.95 -18.39
C HIS A 342 -11.36 -11.27 -17.43
N ILE A 343 -11.08 -11.91 -16.29
CA ILE A 343 -10.22 -11.31 -15.29
C ILE A 343 -8.80 -11.15 -15.88
N LYS A 344 -8.31 -12.14 -16.65
CA LYS A 344 -6.95 -12.05 -17.21
C LYS A 344 -6.84 -10.82 -18.13
N LYS A 345 -7.92 -10.53 -18.86
CA LYS A 345 -7.93 -9.41 -19.79
C LYS A 345 -7.98 -8.10 -19.04
N TYR A 346 -8.74 -8.01 -17.95
CA TYR A 346 -9.05 -6.68 -17.39
C TYR A 346 -8.48 -6.39 -16.01
N SER A 347 -7.91 -7.38 -15.34
CA SER A 347 -7.41 -7.21 -13.97
C SER A 347 -6.18 -6.31 -14.00
N THR A 348 -5.95 -5.56 -12.92
CA THR A 348 -4.71 -4.82 -12.76
C THR A 348 -3.82 -5.52 -11.75
N GLY A 349 -4.17 -6.75 -11.38
CA GLY A 349 -3.30 -7.56 -10.55
C GLY A 349 -3.33 -7.20 -9.08
N HIS A 350 -4.45 -6.65 -8.61
CA HIS A 350 -4.58 -6.31 -7.20
C HIS A 350 -5.24 -7.44 -6.42
N SER A 351 -6.58 -7.43 -6.43
CA SER A 351 -7.37 -8.38 -5.70
C SER A 351 -8.47 -8.97 -6.61
N GLU A 352 -8.66 -10.29 -6.52
CA GLU A 352 -9.66 -11.02 -7.30
C GLU A 352 -10.27 -12.11 -6.42
N SER A 353 -11.57 -12.32 -6.54
CA SER A 353 -12.30 -13.25 -5.70
C SER A 353 -13.28 -14.16 -6.45
N ILE A 354 -13.36 -15.40 -6.01
CA ILE A 354 -14.38 -16.32 -6.48
C ILE A 354 -15.25 -16.71 -5.34
N LEU A 355 -16.54 -16.64 -5.57
CA LEU A 355 -17.51 -17.15 -4.62
C LEU A 355 -18.04 -18.46 -5.20
N THR A 356 -17.80 -19.57 -4.50
CA THR A 356 -18.19 -20.90 -5.00
C THR A 356 -18.22 -21.96 -3.90
N GLU A 357 -18.95 -23.04 -4.16
CA GLU A 357 -18.86 -24.25 -3.35
C GLU A 357 -18.19 -25.41 -4.08
N ASN A 358 -17.60 -25.14 -5.23
CA ASN A 358 -17.04 -26.17 -6.04
C ASN A 358 -15.51 -26.20 -5.88
N TYR A 359 -15.01 -27.30 -5.32
CA TYR A 359 -13.60 -27.58 -5.09
C TYR A 359 -12.72 -27.38 -6.30
N SER A 360 -13.07 -27.99 -7.44
CA SER A 360 -12.26 -27.87 -8.64
C SER A 360 -12.21 -26.45 -9.19
N ASN A 361 -13.33 -25.74 -9.12
CA ASN A 361 -13.40 -24.40 -9.66
C ASN A 361 -12.60 -23.42 -8.77
N ALA A 362 -12.70 -23.59 -7.47
CA ALA A 362 -11.89 -22.79 -6.52
C ALA A 362 -10.38 -22.99 -6.77
N LYS A 363 -9.99 -24.26 -6.82
CA LYS A 363 -8.64 -24.67 -7.12
C LYS A 363 -8.12 -24.12 -8.46
N LYS A 364 -8.92 -24.20 -9.52
CA LYS A 364 -8.48 -23.68 -10.80
C LYS A 364 -8.34 -22.14 -10.70
N PHE A 365 -9.32 -21.48 -10.08
CA PHE A 365 -9.31 -20.02 -9.99
C PHE A 365 -8.04 -19.53 -9.26
N VAL A 366 -7.74 -20.13 -8.11
CA VAL A 366 -6.64 -19.76 -7.26
C VAL A 366 -5.30 -20.05 -7.95
N SER A 367 -5.29 -21.05 -8.80
CA SER A 367 -4.09 -21.43 -9.48
C SER A 367 -3.91 -20.54 -10.73
N GLU A 368 -5.00 -20.21 -11.42
CA GLU A 368 -4.86 -19.49 -12.68
C GLU A 368 -4.85 -17.92 -12.57
N ILE A 369 -5.44 -17.36 -11.50
CA ILE A 369 -5.58 -15.92 -11.40
C ILE A 369 -4.33 -15.42 -10.68
N ASP A 370 -3.59 -14.57 -11.35
CA ASP A 370 -2.36 -14.04 -10.83
C ASP A 370 -2.62 -12.60 -10.45
N ALA A 371 -2.65 -12.33 -9.16
CA ALA A 371 -2.89 -11.00 -8.63
C ALA A 371 -2.21 -11.01 -7.30
N ALA A 372 -1.96 -9.86 -6.70
CA ALA A 372 -1.38 -9.84 -5.38
C ALA A 372 -2.13 -10.67 -4.36
N ALA A 373 -3.46 -10.65 -4.42
CA ALA A 373 -4.31 -11.44 -3.56
C ALA A 373 -5.48 -12.07 -4.33
N VAL A 374 -5.65 -13.40 -4.18
CA VAL A 374 -6.71 -14.18 -4.81
C VAL A 374 -7.51 -14.92 -3.71
N TYR A 375 -8.82 -14.68 -3.71
CA TYR A 375 -9.70 -15.11 -2.65
C TYR A 375 -10.69 -16.16 -3.11
N VAL A 376 -10.97 -17.10 -2.21
CA VAL A 376 -12.15 -17.96 -2.31
C VAL A 376 -13.08 -17.63 -1.15
N ASN A 377 -14.29 -17.26 -1.50
CA ASN A 377 -15.37 -17.03 -0.50
C ASN A 377 -14.96 -16.02 0.54
N ALA A 378 -14.50 -14.88 0.04
CA ALA A 378 -14.04 -13.79 0.92
C ALA A 378 -13.99 -12.46 0.18
N SER A 379 -14.21 -11.39 0.91
CA SER A 379 -14.19 -10.04 0.41
C SER A 379 -12.80 -9.63 -0.02
N THR A 380 -12.72 -8.79 -1.05
CA THR A 380 -11.43 -8.21 -1.49
C THR A 380 -10.92 -7.10 -0.53
N ARG A 381 -11.76 -6.67 0.41
CA ARG A 381 -11.41 -5.70 1.43
C ARG A 381 -10.28 -6.15 2.33
N PHE A 382 -9.98 -7.43 2.32
CA PHE A 382 -8.96 -7.93 3.20
C PHE A 382 -7.56 -7.62 2.71
N THR A 383 -7.40 -7.12 1.48
CA THR A 383 -6.07 -6.89 0.93
C THR A 383 -5.51 -5.61 1.58
N ASP A 384 -4.73 -5.83 2.65
CA ASP A 384 -4.37 -4.78 3.59
C ASP A 384 -3.44 -5.35 4.66
N GLY A 385 -2.39 -4.62 5.02
CA GLY A 385 -1.35 -5.20 5.87
C GLY A 385 -1.84 -5.59 7.26
N GLY A 386 -2.68 -4.75 7.84
CA GLY A 386 -3.28 -5.04 9.14
C GLY A 386 -4.07 -6.33 9.12
N GLN A 387 -4.85 -6.51 8.07
CA GLN A 387 -5.71 -7.69 7.93
C GLN A 387 -4.88 -8.95 7.72
N PHE A 388 -3.73 -8.79 7.07
CA PHE A 388 -2.87 -9.90 6.76
C PHE A 388 -1.84 -10.19 7.88
N GLY A 389 -1.96 -9.53 9.03
CA GLY A 389 -1.08 -9.77 10.16
C GLY A 389 0.29 -9.07 10.10
N PHE A 390 0.47 -8.06 9.25
CA PHE A 390 1.74 -7.32 9.15
C PHE A 390 1.84 -6.20 10.19
N GLY A 391 0.73 -5.80 10.80
CA GLY A 391 0.77 -4.72 11.78
C GLY A 391 0.64 -3.36 11.13
N ALA A 392 1.51 -3.07 10.20
CA ALA A 392 1.49 -1.81 9.49
C ALA A 392 2.10 -1.99 8.11
N GLU A 393 1.63 -1.18 7.16
CA GLU A 393 2.12 -1.21 5.79
C GLU A 393 2.35 0.20 5.26
N ILE A 394 3.12 0.29 4.19
CA ILE A 394 3.24 1.50 3.40
C ILE A 394 2.21 1.55 2.31
N GLY A 395 1.85 0.39 1.76
CA GLY A 395 0.78 0.28 0.78
C GLY A 395 0.83 -1.08 0.13
N ILE A 396 -0.03 -1.32 -0.87
CA ILE A 396 -0.13 -2.61 -1.50
C ILE A 396 0.60 -2.58 -2.79
N SER A 397 1.72 -3.31 -2.87
CA SER A 397 2.40 -3.45 -4.14
C SER A 397 1.65 -4.38 -5.12
N THR A 398 1.56 -3.98 -6.39
CA THR A 398 0.95 -4.79 -7.44
C THR A 398 1.89 -5.23 -8.52
N GLN A 399 3.20 -5.12 -8.27
CA GLN A 399 4.23 -5.60 -9.19
C GLN A 399 4.80 -6.99 -8.85
N ARG A 400 5.36 -7.64 -9.86
CA ARG A 400 5.85 -9.01 -9.78
C ARG A 400 7.37 -9.01 -9.55
N PHE A 401 7.80 -8.28 -8.53
CA PHE A 401 9.20 -8.00 -8.33
C PHE A 401 9.47 -7.47 -6.93
N HIS A 402 10.28 -8.21 -6.20
CA HIS A 402 10.73 -7.90 -4.85
C HIS A 402 9.67 -8.14 -3.82
N ALA A 403 8.55 -7.42 -3.92
CA ALA A 403 7.47 -7.57 -2.99
C ALA A 403 6.13 -7.28 -3.67
N ARG A 404 5.13 -8.08 -3.26
CA ARG A 404 3.79 -7.99 -3.74
C ARG A 404 2.84 -8.09 -2.57
N GLY A 405 1.71 -7.38 -2.67
CA GLY A 405 0.83 -7.19 -1.52
C GLY A 405 1.33 -6.12 -0.55
N PRO A 406 0.86 -6.17 0.68
CA PRO A 406 1.27 -5.19 1.67
C PRO A 406 2.81 -5.13 1.85
N VAL A 407 3.33 -3.92 1.83
CA VAL A 407 4.73 -3.59 1.96
C VAL A 407 4.91 -3.21 3.42
N GLY A 408 5.33 -4.18 4.23
CA GLY A 408 5.64 -3.90 5.63
C GLY A 408 7.13 -4.06 5.92
N LEU A 409 7.46 -4.33 7.16
CA LEU A 409 8.83 -4.26 7.59
C LEU A 409 9.74 -5.21 6.80
N ARG A 410 9.32 -6.46 6.65
CA ARG A 410 10.16 -7.45 5.93
C ARG A 410 10.39 -7.08 4.48
N GLU A 411 9.40 -6.42 3.88
CA GLU A 411 9.47 -6.06 2.46
C GLU A 411 10.44 -4.91 2.24
N LEU A 412 10.83 -4.23 3.33
CA LEU A 412 11.82 -3.15 3.28
C LEU A 412 13.23 -3.70 3.63
N THR A 413 13.42 -4.99 3.44
CA THR A 413 14.73 -5.64 3.62
C THR A 413 15.09 -6.40 2.36
N THR A 414 16.39 -6.61 2.18
CA THR A 414 16.86 -7.61 1.24
C THR A 414 17.70 -8.61 2.11
N TYR A 415 18.71 -9.21 1.53
CA TYR A 415 19.47 -10.22 2.27
C TYR A 415 20.84 -10.32 1.68
N LYS A 416 21.67 -11.10 2.35
CA LYS A 416 23.01 -11.37 1.92
C LYS A 416 23.38 -12.73 2.43
N PHE A 417 24.39 -13.31 1.81
CA PHE A 417 24.93 -14.58 2.25
C PHE A 417 26.03 -14.31 3.22
N VAL A 418 25.97 -14.97 4.34
CA VAL A 418 27.03 -15.02 5.31
C VAL A 418 27.60 -16.44 5.31
N VAL A 419 28.91 -16.56 5.13
CA VAL A 419 29.57 -17.85 4.92
C VAL A 419 30.66 -18.00 5.97
N LEU A 420 30.57 -19.04 6.82
CA LEU A 420 31.54 -19.27 7.87
C LEU A 420 32.36 -20.54 7.56
N GLY A 421 33.66 -20.36 7.35
CA GLY A 421 34.56 -21.46 7.04
C GLY A 421 35.69 -21.63 8.04
N GLU A 422 36.62 -22.48 7.64
CA GLU A 422 37.80 -22.82 8.40
C GLU A 422 38.94 -22.88 7.37
N TYR A 423 39.09 -21.75 6.65
CA TYR A 423 40.09 -21.55 5.58
C TYR A 423 39.76 -22.44 4.42
N HIS A 424 38.49 -22.49 4.07
CA HIS A 424 38.04 -23.26 2.95
C HIS A 424 38.46 -22.63 1.62
N VAL A 425 38.74 -23.50 0.65
CA VAL A 425 39.18 -23.12 -0.69
C VAL A 425 38.31 -23.87 -1.68
N ARG A 426 38.06 -23.25 -2.84
CA ARG A 426 37.15 -23.86 -3.76
C ARG A 426 37.89 -24.95 -4.53
N GLU A 427 37.24 -26.11 -4.65
CA GLU A 427 37.80 -27.23 -5.43
C GLU A 427 38.05 -26.89 -6.90
#